data_3LE2
#
_entry.id   3LE2
#
_cell.length_a   54.196
_cell.length_b   54.196
_cell.length_c   299.342
_cell.angle_alpha   90.00
_cell.angle_beta   90.00
_cell.angle_gamma   90.00
#
_symmetry.space_group_name_H-M   'P 43 2 2'
#
loop_
_entity.id
_entity.type
_entity.pdbx_description
1 polymer Serpin-ZX
2 non-polymer 'SULFATE ION'
3 non-polymer 'ACETATE ION'
4 non-polymer GLYCEROL
5 water water
#
_entity_poly.entity_id   1
_entity_poly.type   'polypeptide(L)'
_entity_poly.pdbx_seq_one_letter_code
;AGMDVRESISLQNQVSMNLAKHVITTVSQNSNVIFSPASINVVLSIIAAGSAGATKDQILSFLKFSSTDQLNSFSSEIVS
AVLADGSANGGPKLSVANGAWIDKSLSFKPSFKQLLEDSYKAASNQADFQSKAVEVIAEVNSWAEKETNGLITEVLPEGS
ADSMTKLIFANALYFKGTWNEKFDESLTQEGEFHLLDGNKVTAPFMTSKKKQYVSAYDGFKVLGLPYLQGQDKRQFSMYF
YLPDANNGLSDLLDKIVSTPGFLDNHIPRRQVKVREFKIPKFKFSFGFDASNVLKGLGLTSPFSGEEGLTEMVESPEMGK
NLCVSNIFHKACIEVNEEGTEAAAASAGVIKLRGLLMEEDEIDFVADHPFLLVVTENITGVVLFIGQVVDPLH
;
_entity_poly.pdbx_strand_id   A
#
# COMPACT_ATOMS: atom_id res chain seq x y z
N ALA A 1 6.25 -25.85 6.09
CA ALA A 1 6.00 -26.61 4.86
C ALA A 1 7.03 -26.30 3.76
N GLY A 2 6.56 -25.70 2.67
CA GLY A 2 7.37 -25.41 1.50
C GLY A 2 6.40 -24.99 0.42
N MET A 3 6.72 -23.93 -0.33
CA MET A 3 5.71 -23.32 -1.18
C MET A 3 6.27 -22.28 -2.17
N ASP A 4 5.58 -22.12 -3.30
CA ASP A 4 6.05 -21.24 -4.36
C ASP A 4 5.82 -19.77 -4.02
N VAL A 5 6.78 -18.93 -4.36
CA VAL A 5 6.66 -17.51 -4.09
C VAL A 5 5.38 -16.92 -4.71
N ARG A 6 4.99 -17.42 -5.88
CA ARG A 6 3.76 -16.96 -6.51
C ARG A 6 2.55 -17.18 -5.62
N GLU A 7 2.48 -18.35 -4.96
CA GLU A 7 1.33 -18.64 -4.13
C GLU A 7 1.40 -17.87 -2.82
N SER A 8 2.61 -17.71 -2.29
CA SER A 8 2.85 -16.85 -1.12
C SER A 8 2.29 -15.46 -1.36
N ILE A 9 2.71 -14.85 -2.46
CA ILE A 9 2.26 -13.52 -2.84
C ILE A 9 0.76 -13.48 -3.02
N SER A 10 0.21 -14.52 -3.63
CA SER A 10 -1.23 -14.58 -3.86
C SER A 10 -1.98 -14.70 -2.53
N LEU A 11 -1.50 -15.54 -1.62
CA LEU A 11 -2.09 -15.61 -0.29
C LEU A 11 -1.95 -14.28 0.47
N GLN A 12 -0.76 -13.68 0.45
CA GLN A 12 -0.53 -12.39 1.13
C GLN A 12 -1.49 -11.32 0.68
N ASN A 13 -1.71 -11.22 -0.62
CA ASN A 13 -2.54 -10.15 -1.15
C ASN A 13 -3.98 -10.26 -0.68
N GLN A 14 -4.43 -11.49 -0.46
N GLN A 14 -4.44 -11.50 -0.48
CA GLN A 14 -5.78 -11.73 0.01
CA GLN A 14 -5.80 -11.72 0.03
C GLN A 14 -5.93 -11.30 1.48
C GLN A 14 -5.90 -11.25 1.48
N VAL A 15 -4.94 -11.68 2.29
CA VAL A 15 -4.87 -11.23 3.69
C VAL A 15 -4.77 -9.71 3.73
N SER A 16 -4.01 -9.13 2.79
CA SER A 16 -3.86 -7.68 2.69
C SER A 16 -5.22 -6.97 2.47
N MET A 17 -6.08 -7.57 1.65
CA MET A 17 -7.41 -6.98 1.43
C MET A 17 -8.23 -7.01 2.72
N ASN A 18 -8.09 -8.08 3.49
CA ASN A 18 -8.79 -8.14 4.76
C ASN A 18 -8.22 -7.11 5.75
N LEU A 19 -6.89 -6.97 5.75
CA LEU A 19 -6.26 -5.89 6.50
C LEU A 19 -6.87 -4.56 6.09
N ALA A 20 -6.95 -4.30 4.79
CA ALA A 20 -7.57 -3.06 4.31
C ALA A 20 -9.01 -2.90 4.83
N LYS A 21 -9.74 -4.00 4.90
N LYS A 21 -9.73 -4.01 4.90
CA LYS A 21 -11.11 -3.99 5.43
CA LYS A 21 -11.09 -4.02 5.42
C LYS A 21 -11.09 -3.53 6.87
C LYS A 21 -11.10 -3.56 6.87
N HIS A 22 -10.21 -4.13 7.66
CA HIS A 22 -10.10 -3.77 9.09
C HIS A 22 -9.64 -2.32 9.30
N VAL A 23 -8.72 -1.83 8.48
CA VAL A 23 -8.31 -0.43 8.58
C VAL A 23 -9.50 0.48 8.31
N ILE A 24 -10.21 0.21 7.22
CA ILE A 24 -11.39 0.99 6.89
C ILE A 24 -12.41 1.00 8.02
N THR A 25 -12.49 -0.09 8.78
CA THR A 25 -13.45 -0.16 9.88
C THR A 25 -13.13 0.86 10.97
N THR A 26 -11.86 1.22 11.10
CA THR A 26 -11.39 2.15 12.14
C THR A 26 -11.48 3.63 11.76
N VAL A 27 -11.87 3.94 10.52
CA VAL A 27 -11.98 5.35 10.15
C VAL A 27 -13.44 5.72 9.94
N SER A 28 -13.71 7.02 9.86
CA SER A 28 -15.08 7.47 9.67
C SER A 28 -15.60 7.13 8.26
N GLN A 29 -16.93 7.18 8.12
CA GLN A 29 -17.60 6.81 6.89
C GLN A 29 -16.96 7.43 5.65
N ASN A 30 -16.66 8.71 5.73
CA ASN A 30 -16.18 9.47 4.57
C ASN A 30 -14.67 9.70 4.57
N SER A 31 -13.93 8.85 5.30
CA SER A 31 -12.47 8.98 5.37
C SER A 31 -11.78 8.15 4.29
N ASN A 32 -11.04 8.82 3.41
CA ASN A 32 -10.21 8.12 2.43
C ASN A 32 -9.15 7.31 3.15
N VAL A 33 -8.73 6.21 2.53
CA VAL A 33 -7.65 5.38 3.05
C VAL A 33 -6.62 5.09 1.96
N ILE A 34 -5.34 5.08 2.30
CA ILE A 34 -4.29 4.53 1.43
C ILE A 34 -3.21 3.98 2.35
N PHE A 35 -2.70 2.77 2.06
CA PHE A 35 -1.59 2.23 2.83
C PHE A 35 -0.84 1.18 2.03
N SER A 36 0.40 0.88 2.42
CA SER A 36 1.20 -0.09 1.69
C SER A 36 1.34 -1.41 2.44
N PRO A 37 0.64 -2.45 1.96
CA PRO A 37 0.69 -3.79 2.56
C PRO A 37 2.10 -4.37 2.49
N ALA A 38 2.80 -4.13 1.39
CA ALA A 38 4.18 -4.54 1.25
C ALA A 38 5.05 -3.99 2.37
N SER A 39 4.92 -2.68 2.64
CA SER A 39 5.68 -2.05 3.73
C SER A 39 5.30 -2.61 5.09
N ILE A 40 4.01 -2.86 5.28
CA ILE A 40 3.58 -3.41 6.55
C ILE A 40 4.24 -4.78 6.74
N ASN A 41 4.22 -5.57 5.66
CA ASN A 41 4.75 -6.94 5.70
C ASN A 41 6.26 -6.96 5.85
N VAL A 42 6.91 -5.90 5.34
CA VAL A 42 8.35 -5.68 5.59
C VAL A 42 8.65 -5.48 7.08
N VAL A 43 7.81 -4.72 7.77
CA VAL A 43 7.96 -4.55 9.21
C VAL A 43 7.75 -5.88 9.97
N LEU A 44 6.67 -6.58 9.63
CA LEU A 44 6.36 -7.86 10.27
C LEU A 44 7.46 -8.90 10.04
N SER A 45 8.09 -8.87 8.86
CA SER A 45 9.27 -9.71 8.59
C SER A 45 10.45 -9.35 9.51
N ILE A 46 10.69 -8.06 9.70
CA ILE A 46 11.69 -7.59 10.65
C ILE A 46 11.40 -8.08 12.08
N ILE A 47 10.14 -8.03 12.47
CA ILE A 47 9.76 -8.47 13.81
C ILE A 47 9.89 -9.98 13.97
N ALA A 48 9.50 -10.72 12.94
CA ALA A 48 9.62 -12.17 13.00
C ALA A 48 11.08 -12.52 13.24
N ALA A 49 11.97 -11.79 12.58
CA ALA A 49 13.40 -12.10 12.61
C ALA A 49 14.00 -11.90 14.00
N GLY A 50 13.38 -11.07 14.82
CA GLY A 50 13.86 -10.82 16.16
C GLY A 50 13.07 -11.58 17.21
N SER A 51 12.31 -12.57 16.76
CA SER A 51 11.45 -13.32 17.67
C SER A 51 11.67 -14.83 17.56
N ALA A 52 10.92 -15.57 18.36
CA ALA A 52 10.92 -17.02 18.24
C ALA A 52 9.72 -17.64 18.94
N GLY A 53 9.62 -18.95 18.84
CA GLY A 53 8.54 -19.67 19.50
C GLY A 53 7.22 -19.33 18.86
N ALA A 54 6.16 -19.33 19.67
CA ALA A 54 4.82 -19.14 19.17
C ALA A 54 4.66 -17.78 18.49
N THR A 55 5.57 -16.85 18.79
CA THR A 55 5.52 -15.54 18.16
C THR A 55 6.05 -15.60 16.74
N LYS A 56 7.27 -16.12 16.57
CA LYS A 56 7.79 -16.30 15.23
C LYS A 56 6.76 -17.04 14.38
N ASP A 57 6.20 -18.11 14.92
CA ASP A 57 5.27 -18.96 14.18
C ASP A 57 3.99 -18.22 13.79
N GLN A 58 3.49 -17.41 14.71
CA GLN A 58 2.25 -16.71 14.43
C GLN A 58 2.43 -15.69 13.31
N ILE A 59 3.61 -15.09 13.24
CA ILE A 59 3.89 -14.12 12.20
C ILE A 59 4.18 -14.85 10.90
N LEU A 60 4.98 -15.92 11.00
CA LEU A 60 5.29 -16.74 9.83
C LEU A 60 4.04 -17.16 9.08
N SER A 61 3.02 -17.59 9.84
CA SER A 61 1.77 -18.05 9.24
C SER A 61 0.96 -16.89 8.70
N PHE A 62 1.09 -15.72 9.32
CA PHE A 62 0.37 -14.54 8.85
C PHE A 62 0.91 -14.09 7.50
N LEU A 63 2.20 -14.31 7.31
CA LEU A 63 2.90 -13.76 6.16
C LEU A 63 3.05 -14.77 5.03
N LYS A 64 2.68 -16.02 5.31
CA LYS A 64 2.59 -17.11 4.30
C LYS A 64 3.94 -17.61 3.82
N PHE A 65 4.91 -17.64 4.72
CA PHE A 65 6.23 -18.18 4.41
C PHE A 65 6.60 -19.06 5.57
N SER A 66 7.41 -20.07 5.32
CA SER A 66 7.71 -21.10 6.31
C SER A 66 8.81 -20.75 7.31
N SER A 67 9.78 -19.92 6.89
CA SER A 67 10.88 -19.57 7.78
C SER A 67 11.27 -18.10 7.70
N THR A 68 11.97 -17.64 8.73
CA THR A 68 12.52 -16.29 8.74
C THR A 68 13.49 -16.08 7.59
N ASP A 69 14.18 -17.15 7.20
CA ASP A 69 15.07 -17.08 6.05
C ASP A 69 14.30 -16.78 4.76
N GLN A 70 13.17 -17.46 4.59
CA GLN A 70 12.32 -17.21 3.43
C GLN A 70 11.86 -15.76 3.45
N LEU A 71 11.38 -15.28 4.59
CA LEU A 71 10.96 -13.89 4.66
C LEU A 71 12.09 -12.97 4.26
N ASN A 72 13.24 -13.14 4.92
CA ASN A 72 14.40 -12.27 4.71
C ASN A 72 14.74 -12.11 3.23
N SER A 73 14.76 -13.24 2.51
CA SER A 73 15.11 -13.27 1.10
C SER A 73 14.04 -12.67 0.22
N PHE A 74 12.78 -12.99 0.51
CA PHE A 74 11.68 -12.45 -0.28
C PHE A 74 11.75 -10.93 -0.20
N SER A 75 12.10 -10.43 0.98
CA SER A 75 12.25 -8.99 1.15
C SER A 75 13.38 -8.42 0.28
N SER A 76 14.59 -8.93 0.47
CA SER A 76 15.75 -8.36 -0.20
C SER A 76 15.82 -8.65 -1.70
N GLU A 77 15.31 -9.80 -2.11
CA GLU A 77 15.40 -10.20 -3.50
C GLU A 77 14.23 -9.63 -4.32
N ILE A 78 13.03 -9.66 -3.73
CA ILE A 78 11.83 -9.27 -4.45
C ILE A 78 11.26 -7.91 -4.02
N VAL A 79 10.87 -7.78 -2.75
CA VAL A 79 10.18 -6.56 -2.32
C VAL A 79 11.02 -5.29 -2.50
N SER A 80 12.29 -5.34 -2.12
N SER A 80 12.28 -5.32 -2.11
CA SER A 80 13.17 -4.18 -2.27
CA SER A 80 13.14 -4.15 -2.28
C SER A 80 13.36 -3.77 -3.73
C SER A 80 13.30 -3.76 -3.75
N ALA A 81 13.38 -4.75 -4.62
CA ALA A 81 13.50 -4.46 -6.05
C ALA A 81 12.22 -3.80 -6.54
N VAL A 82 11.10 -4.20 -5.94
CA VAL A 82 9.80 -3.66 -6.30
C VAL A 82 9.65 -2.25 -5.71
N LEU A 83 10.23 -2.04 -4.54
CA LEU A 83 10.09 -0.78 -3.83
C LEU A 83 11.17 0.24 -4.20
N ALA A 84 12.15 -0.19 -5.01
CA ALA A 84 13.23 0.69 -5.45
C ALA A 84 12.70 1.84 -6.27
N ASP A 85 13.37 2.97 -6.21
CA ASP A 85 13.02 4.12 -7.04
C ASP A 85 13.23 3.79 -8.52
N GLY A 86 12.32 4.21 -9.37
CA GLY A 86 12.46 3.91 -10.78
C GLY A 86 12.76 5.13 -11.59
N SER A 87 12.78 6.29 -10.93
CA SER A 87 12.92 7.56 -11.65
C SER A 87 14.25 7.67 -12.40
N ALA A 88 15.33 7.17 -11.81
CA ALA A 88 16.62 7.19 -12.48
C ALA A 88 16.51 6.56 -13.86
N ASN A 89 15.56 5.64 -14.02
CA ASN A 89 15.40 4.94 -15.28
C ASN A 89 14.12 5.30 -16.05
N GLY A 90 13.44 6.35 -15.60
CA GLY A 90 12.27 6.87 -16.30
C GLY A 90 10.97 6.28 -15.82
N GLY A 91 11.05 5.40 -14.83
CA GLY A 91 9.86 4.83 -14.22
C GLY A 91 9.42 5.69 -13.05
N PRO A 92 8.44 5.20 -12.28
CA PRO A 92 7.87 6.04 -11.23
C PRO A 92 8.90 6.38 -10.16
N LYS A 93 8.58 7.39 -9.38
CA LYS A 93 9.41 7.81 -8.28
C LYS A 93 8.87 7.09 -7.06
N LEU A 94 9.77 6.38 -6.37
CA LEU A 94 9.44 5.73 -5.12
C LEU A 94 10.50 6.10 -4.12
N SER A 95 10.07 6.29 -2.88
CA SER A 95 10.99 6.58 -1.79
C SER A 95 10.49 5.87 -0.54
N VAL A 96 11.40 5.20 0.16
CA VAL A 96 11.05 4.36 1.30
C VAL A 96 11.72 4.86 2.57
N ALA A 97 10.98 4.83 3.67
CA ALA A 97 11.54 5.11 4.98
C ALA A 97 11.24 3.92 5.88
N ASN A 98 12.28 3.36 6.46
CA ASN A 98 12.13 2.14 7.22
C ASN A 98 13.09 2.06 8.41
N GLY A 99 12.53 2.08 9.62
CA GLY A 99 13.37 2.15 10.81
C GLY A 99 12.74 1.62 12.08
N ALA A 100 13.60 1.28 13.03
CA ALA A 100 13.16 0.84 14.35
C ALA A 100 13.88 1.64 15.44
N TRP A 101 13.12 2.02 16.46
CA TRP A 101 13.68 2.72 17.61
C TRP A 101 13.28 1.98 18.87
N ILE A 102 14.21 1.87 19.80
CA ILE A 102 13.94 1.18 21.05
C ILE A 102 14.32 2.09 22.21
N ASP A 103 13.61 2.01 23.33
CA ASP A 103 14.02 2.80 24.47
C ASP A 103 15.46 2.47 24.85
N LYS A 104 16.25 3.52 25.10
CA LYS A 104 17.69 3.36 25.30
C LYS A 104 18.05 2.54 26.54
N SER A 105 17.05 2.21 27.36
CA SER A 105 17.25 1.25 28.44
C SER A 105 17.49 -0.14 27.84
N LEU A 106 17.39 -0.23 26.51
CA LEU A 106 17.62 -1.47 25.82
C LEU A 106 18.63 -1.25 24.71
N SER A 107 19.00 -2.33 24.04
CA SER A 107 19.93 -2.29 22.93
C SER A 107 19.70 -3.53 22.07
N PHE A 108 19.78 -3.36 20.76
CA PHE A 108 19.57 -4.47 19.83
C PHE A 108 20.81 -5.34 19.84
N LYS A 109 20.62 -6.64 19.61
CA LYS A 109 21.76 -7.50 19.36
C LYS A 109 22.44 -6.99 18.13
N PRO A 110 23.77 -6.77 18.20
CA PRO A 110 24.53 -6.29 17.05
C PRO A 110 24.13 -7.03 15.78
N SER A 111 23.94 -8.34 15.91
CA SER A 111 23.59 -9.20 14.78
C SER A 111 22.25 -8.78 14.15
N PHE A 112 21.25 -8.58 15.00
CA PHE A 112 19.96 -8.05 14.56
C PHE A 112 20.12 -6.74 13.79
N LYS A 113 21.01 -5.87 14.27
CA LYS A 113 21.27 -4.57 13.64
C LYS A 113 21.81 -4.70 12.23
N GLN A 114 22.57 -5.76 11.99
CA GLN A 114 23.17 -6.00 10.68
C GLN A 114 22.15 -6.56 9.72
N LEU A 115 21.39 -7.53 10.19
CA LEU A 115 20.30 -8.09 9.41
C LEU A 115 19.39 -6.96 8.91
N LEU A 116 19.01 -6.06 9.81
CA LEU A 116 18.18 -4.93 9.43
C LEU A 116 18.84 -4.12 8.33
N GLU A 117 20.16 -3.95 8.45
CA GLU A 117 20.93 -3.14 7.50
C GLU A 117 21.05 -3.82 6.14
N ASP A 118 21.14 -5.14 6.13
CA ASP A 118 21.47 -5.91 4.92
C ASP A 118 20.26 -6.39 4.12
N SER A 119 19.37 -7.14 4.78
CA SER A 119 18.21 -7.66 4.08
C SER A 119 17.12 -6.61 3.91
N TYR A 120 17.18 -5.53 4.71
CA TYR A 120 16.04 -4.63 4.82
C TYR A 120 16.36 -3.17 4.56
N LYS A 121 17.65 -2.83 4.59
CA LYS A 121 18.06 -1.44 4.42
C LYS A 121 17.31 -0.56 5.42
N ALA A 122 17.27 -1.03 6.66
CA ALA A 122 16.44 -0.44 7.70
C ALA A 122 17.33 0.04 8.84
N ALA A 123 17.07 1.25 9.31
CA ALA A 123 17.83 1.82 10.40
C ALA A 123 17.38 1.21 11.71
N SER A 124 18.26 1.21 12.70
CA SER A 124 17.86 0.83 14.04
C SER A 124 18.58 1.73 15.01
N ASN A 125 17.83 2.27 15.97
CA ASN A 125 18.39 3.26 16.88
C ASN A 125 17.78 3.14 18.27
N GLN A 126 18.48 3.69 19.25
CA GLN A 126 17.92 3.86 20.58
C GLN A 126 17.40 5.28 20.73
N ALA A 127 16.45 5.45 21.64
CA ALA A 127 15.88 6.76 21.87
C ALA A 127 15.53 6.87 23.35
N ASP A 128 15.41 8.10 23.82
CA ASP A 128 15.09 8.36 25.20
C ASP A 128 13.59 8.56 25.35
N PHE A 129 12.81 7.52 25.06
CA PHE A 129 11.35 7.63 25.23
C PHE A 129 11.01 7.98 26.66
N GLN A 130 11.76 7.42 27.59
CA GLN A 130 11.47 7.56 29.03
C GLN A 130 11.36 9.02 29.48
N SER A 131 12.27 9.87 29.03
CA SER A 131 12.29 11.28 29.45
C SER A 131 12.09 12.28 28.31
N LYS A 132 12.27 11.86 27.07
CA LYS A 132 12.26 12.81 25.94
C LYS A 132 11.39 12.38 24.77
N ALA A 133 10.26 11.77 25.07
CA ALA A 133 9.37 11.26 24.04
C ALA A 133 9.01 12.32 22.99
N VAL A 134 8.76 13.54 23.45
CA VAL A 134 8.39 14.65 22.56
C VAL A 134 9.51 14.93 21.57
N GLU A 135 10.75 14.83 22.00
CA GLU A 135 11.87 15.04 21.09
C GLU A 135 12.07 13.88 20.13
N VAL A 136 11.85 12.66 20.63
CA VAL A 136 12.03 11.46 19.81
C VAL A 136 11.06 11.47 18.62
N ILE A 137 9.80 11.80 18.90
CA ILE A 137 8.80 11.96 17.84
C ILE A 137 9.29 12.89 16.73
N ALA A 138 9.79 14.07 17.10
CA ALA A 138 10.27 15.02 16.09
C ALA A 138 11.47 14.46 15.36
N GLU A 139 12.36 13.82 16.11
CA GLU A 139 13.56 13.22 15.54
C GLU A 139 13.23 12.15 14.50
N VAL A 140 12.27 11.29 14.82
CA VAL A 140 11.84 10.23 13.90
C VAL A 140 11.20 10.85 12.67
N ASN A 141 10.39 11.88 12.90
CA ASN A 141 9.80 12.59 11.77
C ASN A 141 10.82 13.26 10.85
N SER A 142 11.81 13.92 11.44
CA SER A 142 12.87 14.56 10.66
C SER A 142 13.64 13.51 9.87
N TRP A 143 13.92 12.40 10.54
CA TRP A 143 14.59 11.28 9.90
C TRP A 143 13.82 10.76 8.66
N ALA A 144 12.52 10.52 8.81
CA ALA A 144 11.72 10.05 7.70
C ALA A 144 11.68 11.06 6.57
N GLU A 145 11.67 12.34 6.92
CA GLU A 145 11.66 13.40 5.92
C GLU A 145 12.99 13.38 5.15
N LYS A 146 14.07 13.14 5.88
CA LYS A 146 15.40 13.06 5.28
C LYS A 146 15.49 11.87 4.32
N GLU A 147 14.92 10.73 4.72
CA GLU A 147 14.98 9.52 3.92
C GLU A 147 14.16 9.65 2.64
N THR A 148 13.07 10.41 2.71
CA THR A 148 12.20 10.57 1.53
C THR A 148 12.39 11.92 0.86
N ASN A 149 13.58 12.50 1.00
CA ASN A 149 13.89 13.75 0.32
C ASN A 149 12.80 14.80 0.52
N GLY A 150 12.22 14.84 1.72
CA GLY A 150 11.19 15.82 2.03
C GLY A 150 9.78 15.48 1.55
N LEU A 151 9.62 14.32 0.91
CA LEU A 151 8.33 13.96 0.34
C LEU A 151 7.31 13.61 1.43
N ILE A 152 7.75 12.80 2.39
CA ILE A 152 6.92 12.46 3.52
C ILE A 152 7.45 13.13 4.79
N THR A 153 6.54 13.68 5.58
CA THR A 153 6.92 14.74 6.50
C THR A 153 6.63 14.43 7.97
N GLU A 154 5.60 13.62 8.22
CA GLU A 154 5.14 13.41 9.58
C GLU A 154 4.57 12.01 9.85
N VAL A 155 5.44 11.00 9.85
CA VAL A 155 5.00 9.63 10.14
C VAL A 155 4.39 9.45 11.54
N LEU A 156 5.00 10.02 12.58
CA LEU A 156 4.41 9.94 13.93
C LEU A 156 3.59 11.18 14.25
N PRO A 157 2.30 10.99 14.63
CA PRO A 157 1.46 12.12 15.03
C PRO A 157 1.87 12.66 16.39
N GLU A 158 1.56 13.92 16.66
CA GLU A 158 1.82 14.48 17.97
C GLU A 158 1.25 13.56 19.05
N GLY A 159 2.01 13.38 20.12
CA GLY A 159 1.55 12.60 21.27
C GLY A 159 1.46 11.11 21.03
N SER A 160 2.07 10.62 19.96
CA SER A 160 1.92 9.21 19.61
C SER A 160 2.87 8.28 20.39
N ALA A 161 3.99 8.80 20.90
CA ALA A 161 4.87 8.01 21.76
C ALA A 161 5.06 8.69 23.11
N ASP A 162 5.25 7.93 24.18
CA ASP A 162 5.32 8.52 25.52
C ASP A 162 6.39 7.88 26.42
N SER A 163 6.28 8.08 27.72
CA SER A 163 7.31 7.62 28.63
C SER A 163 7.27 6.10 28.78
N MET A 164 6.16 5.49 28.39
CA MET A 164 6.03 4.04 28.43
C MET A 164 6.44 3.35 27.13
N THR A 165 6.75 4.14 26.11
CA THR A 165 7.08 3.56 24.79
C THR A 165 8.41 2.83 24.84
N LYS A 166 8.42 1.59 24.36
CA LYS A 166 9.62 0.76 24.43
C LYS A 166 10.19 0.47 23.06
N LEU A 167 9.32 0.06 22.14
CA LEU A 167 9.76 -0.35 20.80
C LEU A 167 8.77 0.07 19.72
N ILE A 168 9.25 0.84 18.76
N ILE A 168 9.25 0.85 18.76
CA ILE A 168 8.41 1.30 17.66
CA ILE A 168 8.41 1.30 17.66
C ILE A 168 9.05 1.08 16.30
C ILE A 168 9.05 1.06 16.29
N PHE A 169 8.21 0.95 15.28
CA PHE A 169 8.68 0.91 13.91
C PHE A 169 8.05 2.08 13.18
N ALA A 170 8.83 2.73 12.33
CA ALA A 170 8.28 3.83 11.55
C ALA A 170 8.56 3.50 10.11
N ASN A 171 7.51 3.51 9.31
CA ASN A 171 7.61 3.10 7.92
C ASN A 171 6.79 4.01 7.03
N ALA A 172 7.36 4.36 5.88
CA ALA A 172 6.65 5.22 4.93
C ALA A 172 6.97 4.80 3.51
N LEU A 173 6.00 4.94 2.62
CA LEU A 173 6.25 4.68 1.21
C LEU A 173 5.67 5.83 0.40
N TYR A 174 6.54 6.53 -0.33
CA TYR A 174 6.09 7.53 -1.28
C TYR A 174 6.17 6.97 -2.70
N PHE A 175 5.15 7.22 -3.49
CA PHE A 175 5.12 6.79 -4.88
C PHE A 175 4.51 7.91 -5.70
N LYS A 176 5.12 8.21 -6.83
CA LYS A 176 4.51 9.11 -7.79
C LYS A 176 4.88 8.66 -9.17
N GLY A 177 3.87 8.42 -10.01
CA GLY A 177 4.10 7.92 -11.34
C GLY A 177 3.37 8.73 -12.39
N THR A 178 3.92 8.75 -13.59
CA THR A 178 3.28 9.35 -14.75
C THR A 178 2.54 8.25 -15.51
N TRP A 179 1.30 8.52 -15.93
CA TRP A 179 0.51 7.57 -16.71
C TRP A 179 1.17 7.29 -18.05
N ASN A 180 0.97 6.07 -18.55
CA ASN A 180 1.34 5.71 -19.92
C ASN A 180 0.54 6.51 -20.94
N GLU A 181 -0.70 6.87 -20.60
CA GLU A 181 -1.55 7.68 -21.44
C GLU A 181 -2.07 8.88 -20.66
N LYS A 182 -1.59 10.07 -20.98
CA LYS A 182 -2.10 11.26 -20.29
C LYS A 182 -3.59 11.45 -20.55
N PHE A 183 -4.25 12.17 -19.65
CA PHE A 183 -5.60 12.65 -19.90
C PHE A 183 -5.48 14.08 -20.41
N ASP A 184 -6.43 14.50 -21.24
CA ASP A 184 -6.45 15.88 -21.71
C ASP A 184 -7.07 16.77 -20.63
N GLU A 185 -6.23 17.57 -19.99
CA GLU A 185 -6.68 18.41 -18.89
C GLU A 185 -7.76 19.40 -19.34
N SER A 186 -7.79 19.72 -20.63
CA SER A 186 -8.84 20.58 -21.17
C SER A 186 -10.21 19.95 -21.02
N LEU A 187 -10.23 18.62 -20.88
CA LEU A 187 -11.47 17.84 -20.82
C LEU A 187 -12.01 17.64 -19.42
N THR A 188 -11.15 17.82 -18.43
CA THR A 188 -11.58 17.73 -17.04
C THR A 188 -12.71 18.72 -16.78
N GLN A 189 -13.79 18.26 -16.16
CA GLN A 189 -14.94 19.11 -15.89
C GLN A 189 -15.51 18.78 -14.52
N GLU A 190 -16.21 19.74 -13.91
CA GLU A 190 -16.85 19.49 -12.62
C GLU A 190 -18.00 18.50 -12.79
N GLY A 191 -18.30 17.77 -11.72
CA GLY A 191 -19.32 16.73 -11.73
C GLY A 191 -19.69 16.27 -10.34
N GLU A 192 -20.80 15.55 -10.21
CA GLU A 192 -21.28 15.12 -8.90
C GLU A 192 -20.68 13.78 -8.44
N PHE A 193 -20.09 13.78 -7.25
CA PHE A 193 -19.67 12.53 -6.61
C PHE A 193 -20.69 12.21 -5.52
N HIS A 194 -21.12 10.96 -5.46
CA HIS A 194 -22.14 10.57 -4.51
C HIS A 194 -21.51 9.96 -3.26
N LEU A 195 -21.58 10.71 -2.16
CA LEU A 195 -21.02 10.29 -0.88
C LEU A 195 -21.85 9.15 -0.25
N LEU A 196 -21.20 8.34 0.58
CA LEU A 196 -21.90 7.25 1.27
C LEU A 196 -22.98 7.75 2.25
N ASP A 197 -22.79 8.96 2.78
CA ASP A 197 -23.77 9.51 3.71
C ASP A 197 -25.06 10.00 3.02
N GLY A 198 -25.17 9.74 1.72
CA GLY A 198 -26.38 10.11 0.99
C GLY A 198 -26.30 11.43 0.24
N ASN A 199 -25.37 12.30 0.62
CA ASN A 199 -25.20 13.57 -0.05
C ASN A 199 -24.29 13.48 -1.28
N LYS A 200 -24.28 14.54 -2.07
CA LYS A 200 -23.44 14.66 -3.26
C LYS A 200 -22.51 15.87 -3.08
N VAL A 201 -21.41 15.89 -3.83
CA VAL A 201 -20.46 17.01 -3.83
C VAL A 201 -19.91 17.21 -5.24
N THR A 202 -19.54 18.45 -5.56
CA THR A 202 -19.04 18.76 -6.90
C THR A 202 -17.52 18.65 -6.96
N ALA A 203 -17.02 17.91 -7.93
CA ALA A 203 -15.60 17.61 -7.99
C ALA A 203 -15.09 17.47 -9.44
N PRO A 204 -13.79 17.72 -9.66
CA PRO A 204 -13.18 17.55 -10.98
C PRO A 204 -13.10 16.07 -11.41
N PHE A 205 -13.76 15.72 -12.51
CA PHE A 205 -13.65 14.40 -13.11
C PHE A 205 -12.86 14.47 -14.41
N MET A 206 -11.81 13.65 -14.51
CA MET A 206 -11.08 13.50 -15.75
C MET A 206 -11.87 12.62 -16.71
N THR A 207 -11.68 12.82 -18.01
CA THR A 207 -12.34 11.98 -19.00
C THR A 207 -11.43 11.70 -20.19
N SER A 208 -11.88 10.78 -21.03
CA SER A 208 -11.13 10.38 -22.22
C SER A 208 -12.02 9.64 -23.21
N LYS A 209 -11.62 9.67 -24.48
CA LYS A 209 -12.36 8.95 -25.50
C LYS A 209 -11.52 7.82 -26.04
N LYS A 210 -10.27 7.74 -25.58
CA LYS A 210 -9.40 6.62 -25.91
C LYS A 210 -9.96 5.32 -25.32
N LYS A 211 -9.45 4.19 -25.80
CA LYS A 211 -9.89 2.91 -25.29
C LYS A 211 -9.27 2.67 -23.92
N GLN A 212 -9.97 1.97 -23.03
CA GLN A 212 -9.43 1.71 -21.70
C GLN A 212 -9.43 0.20 -21.34
N TYR A 213 -8.51 -0.20 -20.45
CA TYR A 213 -8.54 -1.52 -19.83
C TYR A 213 -9.69 -1.61 -18.82
N VAL A 214 -10.88 -1.98 -19.29
CA VAL A 214 -12.02 -2.15 -18.39
C VAL A 214 -12.69 -3.51 -18.58
N SER A 215 -12.96 -4.21 -17.48
CA SER A 215 -13.79 -5.42 -17.51
C SER A 215 -14.97 -5.24 -16.55
N ALA A 216 -16.12 -5.78 -16.94
CA ALA A 216 -17.29 -5.81 -16.08
C ALA A 216 -17.50 -7.20 -15.51
N TYR A 217 -17.95 -7.23 -14.27
CA TYR A 217 -18.22 -8.47 -13.56
C TYR A 217 -19.61 -8.36 -12.91
N ASP A 218 -20.00 -9.39 -12.17
CA ASP A 218 -21.30 -9.38 -11.53
C ASP A 218 -21.28 -8.42 -10.34
N GLY A 219 -21.81 -7.22 -10.54
CA GLY A 219 -21.94 -6.25 -9.46
C GLY A 219 -20.91 -5.13 -9.41
N PHE A 220 -19.91 -5.19 -10.29
CA PHE A 220 -18.84 -4.20 -10.28
C PHE A 220 -18.05 -4.18 -11.57
N LYS A 221 -17.18 -3.19 -11.69
CA LYS A 221 -16.29 -3.10 -12.82
C LYS A 221 -14.86 -2.83 -12.36
N VAL A 222 -13.90 -3.17 -13.21
CA VAL A 222 -12.51 -2.87 -12.90
C VAL A 222 -11.83 -2.12 -14.04
N LEU A 223 -11.11 -1.05 -13.68
CA LEU A 223 -10.32 -0.29 -14.63
C LEU A 223 -8.85 -0.38 -14.27
N GLY A 224 -8.00 -0.66 -15.25
CA GLY A 224 -6.56 -0.64 -15.03
C GLY A 224 -5.94 0.54 -15.73
N LEU A 225 -5.09 1.30 -15.03
CA LEU A 225 -4.33 2.42 -15.63
C LEU A 225 -2.84 2.22 -15.43
N PRO A 226 -2.14 1.72 -16.46
CA PRO A 226 -0.68 1.48 -16.41
C PRO A 226 0.13 2.77 -16.27
N TYR A 227 1.22 2.70 -15.51
CA TYR A 227 2.17 3.80 -15.36
C TYR A 227 3.28 3.67 -16.39
N LEU A 228 3.71 4.83 -16.90
CA LEU A 228 4.89 4.93 -17.75
C LEU A 228 6.08 4.17 -17.17
N GLN A 229 6.79 3.47 -18.03
CA GLN A 229 7.82 2.54 -17.59
C GLN A 229 9.23 3.07 -17.83
N GLY A 230 9.43 3.70 -18.98
CA GLY A 230 10.76 4.05 -19.43
C GLY A 230 11.64 2.80 -19.50
N GLN A 231 12.80 2.85 -18.86
CA GLN A 231 13.77 1.76 -18.88
C GLN A 231 13.62 0.88 -17.66
N ASP A 232 12.67 1.23 -16.80
CA ASP A 232 12.36 0.43 -15.64
C ASP A 232 11.73 -0.88 -16.13
N LYS A 233 12.22 -2.00 -15.59
CA LYS A 233 11.69 -3.31 -15.95
C LYS A 233 10.34 -3.58 -15.29
N ARG A 234 10.11 -2.95 -14.13
CA ARG A 234 8.86 -3.13 -13.43
C ARG A 234 7.70 -2.51 -14.20
N GLN A 235 6.54 -3.12 -14.09
CA GLN A 235 5.34 -2.55 -14.70
C GLN A 235 4.30 -2.27 -13.62
N PHE A 236 4.11 -1.00 -13.30
CA PHE A 236 3.14 -0.63 -12.29
C PHE A 236 1.83 -0.26 -12.95
N SER A 237 0.73 -0.56 -12.28
CA SER A 237 -0.59 -0.09 -12.71
C SER A 237 -1.43 0.25 -11.48
N MET A 238 -2.46 1.06 -11.69
CA MET A 238 -3.43 1.32 -10.65
C MET A 238 -4.75 0.73 -11.10
N TYR A 239 -5.41 0.03 -10.20
CA TYR A 239 -6.67 -0.59 -10.50
C TYR A 239 -7.77 0.06 -9.68
N PHE A 240 -8.91 0.26 -10.34
CA PHE A 240 -10.10 0.85 -9.73
C PHE A 240 -11.19 -0.20 -9.70
N TYR A 241 -11.73 -0.47 -8.51
CA TYR A 241 -12.80 -1.43 -8.36
C TYR A 241 -14.07 -0.70 -7.98
N LEU A 242 -14.97 -0.62 -8.95
CA LEU A 242 -16.16 0.22 -8.88
C LEU A 242 -17.46 -0.58 -8.77
N PRO A 243 -18.08 -0.58 -7.58
CA PRO A 243 -19.38 -1.24 -7.41
C PRO A 243 -20.40 -0.63 -8.36
N ASP A 244 -21.37 -1.41 -8.81
CA ASP A 244 -22.46 -0.85 -9.60
C ASP A 244 -23.27 0.13 -8.75
N ALA A 245 -23.54 -0.25 -7.50
CA ALA A 245 -24.33 0.59 -6.59
C ALA A 245 -23.50 1.69 -5.90
N ASN A 246 -24.07 2.88 -5.79
CA ASN A 246 -23.41 4.03 -5.17
C ASN A 246 -22.85 3.68 -3.78
N ASN A 247 -23.58 2.86 -3.03
CA ASN A 247 -23.15 2.47 -1.70
C ASN A 247 -22.60 1.05 -1.68
N GLY A 248 -22.11 0.55 -2.82
CA GLY A 248 -21.76 -0.86 -2.90
C GLY A 248 -20.41 -1.23 -2.33
N LEU A 249 -19.62 -0.22 -1.95
CA LEU A 249 -18.23 -0.45 -1.59
C LEU A 249 -18.05 -1.56 -0.57
N SER A 250 -18.77 -1.46 0.53
CA SER A 250 -18.56 -2.38 1.63
C SER A 250 -18.79 -3.82 1.20
N ASP A 251 -19.83 -4.06 0.42
CA ASP A 251 -20.15 -5.40 0.00
C ASP A 251 -19.10 -5.93 -0.99
N LEU A 252 -18.64 -5.05 -1.88
CA LEU A 252 -17.60 -5.43 -2.81
C LEU A 252 -16.35 -5.86 -2.07
N LEU A 253 -16.01 -5.14 -1.01
CA LEU A 253 -14.82 -5.47 -0.25
C LEU A 253 -15.03 -6.80 0.52
N ASP A 254 -16.26 -7.03 0.98
CA ASP A 254 -16.57 -8.33 1.58
C ASP A 254 -16.35 -9.49 0.59
N LYS A 255 -16.86 -9.33 -0.63
CA LYS A 255 -16.62 -10.31 -1.70
C LYS A 255 -15.14 -10.53 -1.95
N ILE A 256 -14.40 -9.44 -2.13
CA ILE A 256 -12.96 -9.54 -2.33
C ILE A 256 -12.31 -10.32 -1.19
N VAL A 257 -12.61 -9.96 0.05
CA VAL A 257 -12.00 -10.59 1.21
C VAL A 257 -12.28 -12.08 1.30
N SER A 258 -13.45 -12.51 0.85
CA SER A 258 -13.88 -13.90 0.95
C SER A 258 -13.53 -14.80 -0.26
N THR A 259 -12.95 -14.21 -1.29
CA THR A 259 -12.62 -14.96 -2.52
C THR A 259 -11.11 -15.10 -2.75
N PRO A 260 -10.56 -16.28 -2.50
CA PRO A 260 -9.13 -16.52 -2.72
C PRO A 260 -8.71 -16.13 -4.14
N GLY A 261 -7.51 -15.56 -4.28
CA GLY A 261 -7.02 -15.13 -5.59
C GLY A 261 -7.83 -14.04 -6.29
N PHE A 262 -8.72 -13.36 -5.56
CA PHE A 262 -9.56 -12.36 -6.22
C PHE A 262 -8.78 -11.37 -7.09
N LEU A 263 -7.69 -10.80 -6.56
CA LEU A 263 -6.90 -9.84 -7.31
C LEU A 263 -6.30 -10.43 -8.60
N ASP A 264 -5.76 -11.64 -8.50
CA ASP A 264 -5.15 -12.29 -9.67
C ASP A 264 -6.17 -12.46 -10.79
N ASN A 265 -7.45 -12.47 -10.42
CA ASN A 265 -8.48 -12.86 -11.39
C ASN A 265 -9.32 -11.72 -11.95
N HIS A 266 -8.99 -10.48 -11.54
CA HIS A 266 -9.74 -9.29 -11.96
C HIS A 266 -8.81 -8.21 -12.49
N ILE A 267 -8.00 -8.60 -13.47
CA ILE A 267 -7.05 -7.73 -14.16
C ILE A 267 -7.50 -7.60 -15.62
N PRO A 268 -8.03 -6.42 -15.98
CA PRO A 268 -8.52 -6.25 -17.35
C PRO A 268 -7.34 -6.18 -18.28
N ARG A 269 -7.29 -7.05 -19.29
CA ARG A 269 -6.12 -7.09 -20.15
C ARG A 269 -6.35 -6.57 -21.57
N ARG A 270 -7.60 -6.27 -21.89
CA ARG A 270 -7.93 -5.69 -23.19
C ARG A 270 -8.40 -4.24 -23.06
N GLN A 271 -7.86 -3.36 -23.90
CA GLN A 271 -8.40 -2.02 -24.03
C GLN A 271 -9.66 -2.09 -24.86
N VAL A 272 -10.75 -1.59 -24.29
CA VAL A 272 -12.04 -1.63 -24.98
C VAL A 272 -12.60 -0.23 -25.17
N LYS A 273 -13.61 -0.14 -26.02
CA LYS A 273 -14.26 1.12 -26.32
C LYS A 273 -15.08 1.56 -25.12
N VAL A 274 -14.91 2.81 -24.70
CA VAL A 274 -15.72 3.36 -23.62
C VAL A 274 -16.70 4.37 -24.20
N ARG A 275 -17.91 4.41 -23.69
CA ARG A 275 -18.83 5.48 -24.06
C ARG A 275 -18.70 6.62 -23.04
N GLU A 276 -19.25 6.42 -21.85
CA GLU A 276 -19.03 7.35 -20.76
C GLU A 276 -17.87 6.89 -19.88
N PHE A 277 -16.92 7.79 -19.65
CA PHE A 277 -15.70 7.47 -18.91
C PHE A 277 -15.28 8.62 -18.00
N LYS A 278 -15.49 8.47 -16.70
CA LYS A 278 -15.20 9.56 -15.76
C LYS A 278 -14.41 9.11 -14.54
N ILE A 279 -13.26 9.76 -14.33
CA ILE A 279 -12.39 9.46 -13.19
C ILE A 279 -12.17 10.71 -12.32
N PRO A 280 -12.58 10.66 -11.04
CA PRO A 280 -12.32 11.86 -10.21
C PRO A 280 -10.85 12.02 -9.92
N LYS A 281 -10.37 13.27 -9.93
CA LYS A 281 -9.04 13.55 -9.42
C LYS A 281 -9.09 13.35 -7.92
N PHE A 282 -7.96 13.02 -7.31
CA PHE A 282 -7.84 13.07 -5.85
C PHE A 282 -6.38 13.10 -5.41
N LYS A 283 -6.14 13.61 -4.20
CA LYS A 283 -4.79 13.67 -3.67
C LYS A 283 -4.88 13.66 -2.16
N PHE A 284 -4.26 12.67 -1.52
CA PHE A 284 -4.29 12.61 -0.08
C PHE A 284 -3.21 11.71 0.51
N SER A 285 -2.95 11.91 1.80
CA SER A 285 -2.04 11.03 2.52
C SER A 285 -2.83 10.35 3.63
N PHE A 286 -2.25 9.31 4.21
CA PHE A 286 -2.94 8.57 5.24
C PHE A 286 -1.93 7.88 6.12
N GLY A 287 -2.15 7.93 7.42
CA GLY A 287 -1.22 7.34 8.35
C GLY A 287 -1.95 6.67 9.48
N PHE A 288 -1.33 5.64 10.03
CA PHE A 288 -1.95 4.95 11.14
C PHE A 288 -0.91 4.12 11.86
N ASP A 289 -1.24 3.76 13.10
CA ASP A 289 -0.48 2.81 13.87
C ASP A 289 -1.10 1.43 13.61
N ALA A 290 -0.37 0.56 12.91
CA ALA A 290 -0.94 -0.73 12.49
C ALA A 290 -1.23 -1.69 13.63
N SER A 291 -0.72 -1.38 14.82
CA SER A 291 -0.68 -2.36 15.90
C SER A 291 -2.06 -2.90 16.26
N ASN A 292 -3.04 -2.02 16.38
CA ASN A 292 -4.39 -2.44 16.72
C ASN A 292 -5.13 -3.24 15.64
N VAL A 293 -5.12 -2.82 14.38
CA VAL A 293 -5.84 -3.59 13.38
C VAL A 293 -5.23 -4.97 13.24
N LEU A 294 -3.91 -5.06 13.38
CA LEU A 294 -3.24 -6.35 13.27
C LEU A 294 -3.67 -7.28 14.40
N LYS A 295 -3.68 -6.77 15.64
CA LYS A 295 -4.23 -7.54 16.75
C LYS A 295 -5.64 -8.02 16.43
N GLY A 296 -6.40 -7.14 15.79
CA GLY A 296 -7.75 -7.49 15.35
C GLY A 296 -7.80 -8.68 14.42
N LEU A 297 -6.82 -8.80 13.52
CA LEU A 297 -6.75 -9.95 12.60
C LEU A 297 -6.10 -11.15 13.29
N GLY A 298 -5.92 -11.05 14.61
CA GLY A 298 -5.37 -12.15 15.38
C GLY A 298 -3.85 -12.21 15.48
N LEU A 299 -3.16 -11.23 14.91
CA LEU A 299 -1.71 -11.17 15.04
C LEU A 299 -1.38 -10.43 16.31
N THR A 300 -1.59 -11.12 17.43
CA THR A 300 -1.53 -10.53 18.77
C THR A 300 -0.18 -10.68 19.44
N SER A 301 0.56 -11.74 19.11
CA SER A 301 1.76 -12.08 19.87
C SER A 301 2.89 -11.04 19.85
N PRO A 302 3.14 -10.40 18.70
CA PRO A 302 4.19 -9.37 18.69
C PRO A 302 3.94 -8.21 19.65
N PHE A 303 2.69 -7.97 20.02
CA PHE A 303 2.29 -6.83 20.85
C PHE A 303 1.95 -7.19 22.29
N SER A 304 2.17 -8.45 22.64
CA SER A 304 1.90 -8.93 23.99
C SER A 304 3.20 -9.26 24.69
N GLY A 305 3.27 -8.97 25.99
CA GLY A 305 4.46 -9.28 26.75
C GLY A 305 4.62 -10.77 26.90
N GLU A 306 3.52 -11.50 26.70
CA GLU A 306 3.47 -12.93 26.94
C GLU A 306 4.71 -13.68 26.44
N GLU A 307 4.87 -13.77 25.13
CA GLU A 307 6.06 -14.38 24.55
C GLU A 307 7.22 -13.40 24.59
N GLY A 308 7.09 -12.34 23.80
CA GLY A 308 8.12 -11.34 23.71
C GLY A 308 9.03 -11.54 22.52
N LEU A 309 10.00 -10.65 22.41
CA LEU A 309 10.95 -10.64 21.32
C LEU A 309 12.33 -10.88 21.89
N THR A 310 12.64 -12.16 22.05
CA THR A 310 13.83 -12.59 22.75
C THR A 310 15.06 -12.63 21.84
N GLU A 311 14.83 -12.50 20.54
CA GLU A 311 15.93 -12.47 19.59
C GLU A 311 16.27 -11.07 19.08
N MET A 312 15.74 -10.05 19.74
CA MET A 312 15.90 -8.71 19.23
C MET A 312 16.91 -7.88 20.04
N VAL A 313 16.84 -8.02 21.37
CA VAL A 313 17.71 -7.27 22.26
C VAL A 313 18.81 -8.15 22.87
N GLU A 314 19.51 -7.61 23.86
CA GLU A 314 20.66 -8.32 24.43
C GLU A 314 20.38 -8.92 25.81
N SER A 315 19.61 -8.21 26.63
CA SER A 315 19.29 -8.68 27.97
C SER A 315 18.08 -9.63 27.97
N PRO A 316 18.31 -10.92 28.24
CA PRO A 316 17.23 -11.92 28.28
C PRO A 316 16.18 -11.57 29.32
N GLU A 317 16.56 -10.78 30.32
CA GLU A 317 15.62 -10.30 31.31
C GLU A 317 14.78 -9.17 30.73
N MET A 318 15.39 -8.39 29.84
CA MET A 318 14.69 -7.31 29.16
C MET A 318 13.88 -7.85 27.99
N GLY A 319 14.44 -8.83 27.27
CA GLY A 319 13.78 -9.45 26.14
C GLY A 319 12.53 -10.21 26.54
N LYS A 320 12.53 -10.72 27.76
CA LYS A 320 11.33 -11.29 28.35
C LYS A 320 10.34 -10.18 28.65
N ASN A 321 9.18 -10.24 28.00
CA ASN A 321 8.14 -9.23 28.19
C ASN A 321 8.32 -8.02 27.28
N LEU A 322 9.34 -8.06 26.42
CA LEU A 322 9.54 -7.01 25.43
C LEU A 322 8.63 -7.26 24.25
N CYS A 323 7.86 -6.25 23.88
CA CYS A 323 7.01 -6.38 22.71
C CYS A 323 7.00 -5.09 21.92
N VAL A 324 6.36 -5.12 20.76
CA VAL A 324 6.24 -3.94 19.92
C VAL A 324 5.18 -2.99 20.48
N SER A 325 5.55 -1.73 20.67
CA SER A 325 4.64 -0.72 21.17
C SER A 325 3.75 -0.18 20.04
N ASN A 326 4.37 0.11 18.90
CA ASN A 326 3.67 0.72 17.80
C ASN A 326 4.31 0.37 16.48
N ILE A 327 3.48 0.36 15.44
CA ILE A 327 3.97 0.28 14.08
C ILE A 327 3.36 1.44 13.32
N PHE A 328 4.14 2.52 13.20
CA PHE A 328 3.69 3.74 12.54
C PHE A 328 3.91 3.68 11.03
N HIS A 329 2.82 3.86 10.28
CA HIS A 329 2.90 3.79 8.82
C HIS A 329 2.28 5.01 8.14
N LYS A 330 2.94 5.48 7.11
CA LYS A 330 2.42 6.60 6.34
C LYS A 330 2.58 6.34 4.84
N ALA A 331 1.55 6.72 4.10
CA ALA A 331 1.49 6.58 2.67
C ALA A 331 0.76 7.77 2.09
N CYS A 332 1.02 8.06 0.82
N CYS A 332 0.99 8.07 0.82
CA CYS A 332 0.27 9.08 0.10
CA CYS A 332 0.20 9.09 0.15
C CYS A 332 -0.26 8.48 -1.20
C CYS A 332 -0.06 8.67 -1.30
N ILE A 333 -1.11 9.23 -1.89
CA ILE A 333 -1.50 8.86 -3.25
C ILE A 333 -2.04 10.09 -3.96
N GLU A 334 -1.96 10.06 -5.28
CA GLU A 334 -2.45 11.16 -6.07
C GLU A 334 -2.86 10.68 -7.44
N VAL A 335 -3.98 11.20 -7.91
CA VAL A 335 -4.45 10.93 -9.27
C VAL A 335 -4.74 12.24 -10.00
N ASN A 336 -4.02 12.49 -11.08
CA ASN A 336 -4.29 13.64 -11.94
C ASN A 336 -4.09 13.29 -13.42
N GLU A 337 -4.00 14.29 -14.27
CA GLU A 337 -3.97 14.07 -15.72
C GLU A 337 -2.62 13.68 -16.29
N GLU A 338 -1.55 13.91 -15.53
N GLU A 338 -1.55 13.93 -15.54
CA GLU A 338 -0.19 13.84 -16.04
CA GLU A 338 -0.19 13.84 -16.06
C GLU A 338 0.22 12.49 -16.63
C GLU A 338 0.17 12.47 -16.65
N GLY A 339 0.54 12.50 -17.93
CA GLY A 339 0.96 11.31 -18.65
C GLY A 339 2.22 11.58 -19.46
N THR A 340 2.78 10.55 -20.06
CA THR A 340 4.03 10.70 -20.81
C THR A 340 3.89 11.64 -22.02
N GLU A 341 4.93 12.44 -22.25
CA GLU A 341 5.00 13.36 -23.39
C GLU A 341 5.83 12.75 -24.51
N ALA A 342 6.31 11.52 -24.31
CA ALA A 342 7.27 10.92 -25.22
C ALA A 342 6.72 9.69 -25.96
N ALA A 343 5.40 9.52 -25.94
CA ALA A 343 4.78 8.36 -26.59
C ALA A 343 4.91 8.36 -28.12
N ALA A 344 5.25 7.20 -28.70
CA ALA A 344 5.13 7.03 -30.15
C ALA A 344 3.65 6.98 -30.48
N ALA A 345 3.25 7.69 -31.54
CA ALA A 345 1.87 7.65 -31.99
C ALA A 345 1.45 6.24 -32.43
N SER A 346 0.16 5.94 -32.33
CA SER A 346 -0.35 4.62 -32.71
C SER A 346 -0.58 4.53 -34.23
N ALA A 347 -0.41 3.33 -34.76
CA ALA A 347 -0.63 3.09 -36.19
C ALA A 347 -2.10 3.30 -36.52
N GLY A 348 -2.97 2.82 -35.63
CA GLY A 348 -4.39 3.05 -35.74
C GLY A 348 -5.09 1.83 -36.30
N VAL A 349 -4.43 0.70 -36.19
CA VAL A 349 -4.96 -0.52 -36.77
C VAL A 349 -6.29 -0.88 -36.15
N ILE A 350 -6.34 -0.86 -34.82
CA ILE A 350 -7.53 -1.26 -34.08
C ILE A 350 -8.67 -0.27 -34.29
N LYS A 351 -8.31 0.99 -34.45
CA LYS A 351 -9.25 2.04 -34.76
C LYS A 351 -9.86 1.79 -36.13
N LEU A 352 -9.02 1.44 -37.10
CA LEU A 352 -9.48 1.12 -38.45
C LEU A 352 -10.40 -0.09 -38.41
N ARG A 353 -9.95 -1.15 -37.75
CA ARG A 353 -10.76 -2.35 -37.61
C ARG A 353 -12.15 -2.00 -37.11
N GLY A 354 -12.21 -1.01 -36.21
CA GLY A 354 -13.48 -0.56 -35.68
C GLY A 354 -14.41 0.09 -36.70
N LEU A 355 -13.86 0.53 -37.84
CA LEU A 355 -14.71 1.07 -38.89
C LEU A 355 -15.43 -0.03 -39.66
N LEU A 356 -15.06 -1.29 -39.40
CA LEU A 356 -15.68 -2.42 -40.08
C LEU A 356 -16.45 -3.35 -39.15
N MET A 357 -16.20 -3.27 -37.84
CA MET A 357 -16.89 -4.12 -36.88
C MET A 357 -17.83 -3.30 -36.01
N GLU A 358 -18.75 -3.99 -35.33
CA GLU A 358 -19.59 -3.35 -34.33
C GLU A 358 -18.99 -3.61 -32.95
N GLU A 359 -18.09 -2.73 -32.51
CA GLU A 359 -17.44 -2.95 -31.22
C GLU A 359 -18.32 -2.53 -30.06
N ASP A 360 -18.50 -3.43 -29.10
CA ASP A 360 -19.33 -3.13 -27.94
C ASP A 360 -18.69 -2.09 -27.05
N GLU A 361 -19.49 -1.14 -26.59
CA GLU A 361 -18.96 -0.08 -25.74
C GLU A 361 -19.41 -0.22 -24.29
N ILE A 362 -18.66 0.42 -23.40
CA ILE A 362 -18.85 0.21 -21.97
C ILE A 362 -18.66 1.53 -21.24
N ASP A 363 -19.34 1.67 -20.10
CA ASP A 363 -19.16 2.85 -19.25
C ASP A 363 -18.34 2.50 -18.02
N PHE A 364 -17.50 3.45 -17.61
CA PHE A 364 -16.85 3.37 -16.33
C PHE A 364 -16.91 4.79 -15.76
N VAL A 365 -17.91 5.06 -14.94
CA VAL A 365 -18.12 6.40 -14.38
C VAL A 365 -17.99 6.35 -12.87
N ALA A 366 -16.85 6.80 -12.36
CA ALA A 366 -16.54 6.61 -10.96
C ALA A 366 -17.02 7.79 -10.13
N ASP A 367 -18.34 7.99 -10.13
CA ASP A 367 -18.93 9.09 -9.41
C ASP A 367 -19.42 8.64 -8.05
N HIS A 368 -18.83 7.56 -7.54
CA HIS A 368 -19.15 7.08 -6.21
C HIS A 368 -17.97 6.26 -5.71
N PRO A 369 -17.97 5.89 -4.41
CA PRO A 369 -16.79 5.23 -3.80
C PRO A 369 -16.34 3.94 -4.47
N PHE A 370 -15.02 3.83 -4.63
CA PHE A 370 -14.39 2.69 -5.28
C PHE A 370 -13.14 2.30 -4.51
N LEU A 371 -12.68 1.07 -4.72
CA LEU A 371 -11.42 0.63 -4.15
C LEU A 371 -10.30 0.94 -5.11
N LEU A 372 -9.09 1.00 -4.55
N LEU A 372 -9.08 0.93 -4.57
CA LEU A 372 -7.87 1.28 -5.30
CA LEU A 372 -7.88 1.30 -5.29
C LEU A 372 -6.83 0.24 -4.96
C LEU A 372 -6.78 0.29 -4.95
N VAL A 373 -6.10 -0.21 -5.97
CA VAL A 373 -4.96 -1.11 -5.77
C VAL A 373 -3.81 -0.74 -6.73
N VAL A 374 -2.61 -0.60 -6.20
CA VAL A 374 -1.45 -0.33 -7.03
C VAL A 374 -0.54 -1.54 -6.93
N THR A 375 -0.25 -2.14 -8.08
CA THR A 375 0.54 -3.36 -8.08
C THR A 375 1.66 -3.29 -9.08
N GLU A 376 2.68 -4.10 -8.82
CA GLU A 376 3.73 -4.30 -9.76
C GLU A 376 3.36 -5.61 -10.45
N ASN A 377 3.13 -5.52 -11.76
CA ASN A 377 2.56 -6.63 -12.53
C ASN A 377 3.47 -7.85 -12.75
N ILE A 378 4.79 -7.65 -12.82
CA ILE A 378 5.70 -8.77 -13.03
C ILE A 378 5.70 -9.73 -11.84
N THR A 379 5.81 -9.17 -10.64
CA THR A 379 5.86 -10.00 -9.43
C THR A 379 4.47 -10.21 -8.83
N GLY A 380 3.51 -9.41 -9.25
CA GLY A 380 2.20 -9.41 -8.61
C GLY A 380 2.17 -8.79 -7.22
N VAL A 381 3.30 -8.23 -6.77
CA VAL A 381 3.34 -7.58 -5.46
C VAL A 381 2.46 -6.30 -5.42
N VAL A 382 1.72 -6.12 -4.33
CA VAL A 382 0.84 -4.95 -4.18
C VAL A 382 1.52 -3.83 -3.37
N LEU A 383 1.72 -2.66 -3.99
CA LEU A 383 2.29 -1.50 -3.27
C LEU A 383 1.29 -0.78 -2.38
N PHE A 384 0.07 -0.60 -2.87
CA PHE A 384 -0.93 0.19 -2.15
C PHE A 384 -2.30 -0.43 -2.29
N ILE A 385 -3.07 -0.36 -1.22
CA ILE A 385 -4.52 -0.58 -1.26
C ILE A 385 -5.19 0.64 -0.63
N GLY A 386 -6.32 1.05 -1.19
CA GLY A 386 -6.99 2.22 -0.65
C GLY A 386 -8.46 2.29 -1.03
N GLN A 387 -9.15 3.27 -0.46
CA GLN A 387 -10.52 3.56 -0.86
C GLN A 387 -10.66 5.06 -1.03
N VAL A 388 -11.33 5.46 -2.10
CA VAL A 388 -11.67 6.85 -2.34
C VAL A 388 -13.15 6.99 -2.05
N VAL A 389 -13.48 7.61 -0.92
CA VAL A 389 -14.87 7.82 -0.53
C VAL A 389 -15.26 9.28 -0.63
N ASP A 390 -14.26 10.14 -0.77
CA ASP A 390 -14.49 11.58 -0.92
C ASP A 390 -13.29 12.23 -1.60
N PRO A 391 -13.40 12.49 -2.91
CA PRO A 391 -12.34 13.03 -3.77
C PRO A 391 -11.91 14.43 -3.35
N LEU A 392 -12.76 15.13 -2.59
CA LEU A 392 -12.48 16.53 -2.26
C LEU A 392 -11.59 16.67 -1.04
N HIS A 393 -11.34 15.56 -0.37
CA HIS A 393 -10.47 15.59 0.78
C HIS A 393 -9.37 14.55 0.65
#